data_7ZNX
#
_entry.id   7ZNX
#
_cell.length_a   34.664
_cell.length_b   94.403
_cell.length_c   52.151
_cell.angle_alpha   90.000
_cell.angle_beta   103.060
_cell.angle_gamma   90.000
#
_symmetry.space_group_name_H-M   'P 1 21 1'
#
loop_
_entity.id
_entity.type
_entity.pdbx_description
1 polymer 'Cocaprin 1'
2 water water
#
_entity_poly.entity_id   1
_entity_poly.type   'polypeptide(L)'
_entity_poly.pdbx_seq_one_letter_code
;MVEPGRYRVINVKGGTALDLDINNNSTVHGWAFHGGDNQLWDFEHIGDNIWTICNANTGGYLAIVNGIAGDGVKAVSWAD
PFEWAVWPDENDGSVWRIGVPDTAFHLDLSDHGNSADGTAVQVWNASDGRNQCWVVEEA
;
_entity_poly.pdbx_strand_id   A,B
#
# COMPACT_ATOMS: atom_id res chain seq x y z
N PRO A 4 6.32 3.61 -10.51
CA PRO A 4 5.14 3.36 -9.68
C PRO A 4 5.24 4.09 -8.33
N GLY A 5 4.15 4.10 -7.55
CA GLY A 5 4.13 4.80 -6.25
C GLY A 5 5.54 5.02 -5.70
N ARG A 6 6.01 6.26 -5.72
CA ARG A 6 7.39 6.55 -5.26
C ARG A 6 7.40 6.84 -3.76
N TYR A 7 8.21 6.11 -3.01
CA TYR A 7 8.21 6.19 -1.53
C TYR A 7 9.63 6.34 -0.96
N ARG A 8 9.71 7.00 0.19
CA ARG A 8 10.89 6.86 1.07
C ARG A 8 10.67 5.69 2.02
N VAL A 9 11.76 5.12 2.52
CA VAL A 9 11.71 3.89 3.34
C VAL A 9 12.65 4.14 4.51
N ILE A 10 12.08 4.47 5.66
CA ILE A 10 12.86 4.92 6.83
C ILE A 10 12.92 3.78 7.84
N ASN A 11 14.11 3.47 8.31
CA ASN A 11 14.29 2.43 9.34
C ASN A 11 13.67 2.94 10.65
N VAL A 12 12.88 2.11 11.32
CA VAL A 12 12.22 2.52 12.59
C VAL A 12 13.29 2.70 13.66
N LYS A 13 14.21 1.78 13.80
CA LYS A 13 15.18 1.91 14.91
C LYS A 13 16.24 2.98 14.61
N GLY A 14 16.84 2.95 13.41
CA GLY A 14 17.96 3.83 13.03
C GLY A 14 17.49 5.25 12.70
N GLY A 15 16.24 5.42 12.24
CA GLY A 15 15.70 6.72 11.79
C GLY A 15 16.22 7.19 10.44
N THR A 16 17.01 6.38 9.76
CA THR A 16 17.72 6.75 8.52
C THR A 16 16.97 6.15 7.34
N ALA A 17 17.19 6.72 6.17
CA ALA A 17 16.53 6.33 4.92
C ALA A 17 17.31 5.21 4.25
N LEU A 18 16.58 4.27 3.68
CA LEU A 18 17.13 3.27 2.75
C LEU A 18 17.70 4.03 1.55
N ASP A 19 19.01 3.92 1.35
CA ASP A 19 19.76 4.83 0.46
C ASP A 19 20.68 4.02 -0.44
N LEU A 20 20.66 4.31 -1.72
CA LEU A 20 21.63 3.67 -2.67
C LEU A 20 22.84 4.57 -2.79
N ASP A 21 24.00 4.08 -2.41
CA ASP A 21 25.25 4.85 -2.34
C ASP A 21 25.44 5.66 -3.63
N ILE A 22 25.58 6.97 -3.48
CA ILE A 22 25.60 7.93 -4.61
C ILE A 22 26.92 7.76 -5.38
N ASN A 23 27.93 7.14 -4.78
CA ASN A 23 29.29 7.03 -5.37
C ASN A 23 29.44 5.75 -6.18
N ASN A 24 28.90 4.62 -5.73
CA ASN A 24 29.06 3.34 -6.45
C ASN A 24 27.72 2.87 -7.05
N ASN A 25 26.58 3.45 -6.66
CA ASN A 25 25.27 3.06 -7.21
C ASN A 25 25.00 1.58 -7.03
N SER A 26 25.57 0.95 -6.02
CA SER A 26 25.45 -0.49 -5.79
C SER A 26 25.13 -0.81 -4.33
N THR A 27 25.87 -0.22 -3.40
CA THR A 27 25.75 -0.49 -1.97
C THR A 27 24.47 0.14 -1.41
N VAL A 28 23.73 -0.61 -0.62
CA VAL A 28 22.51 -0.07 0.00
C VAL A 28 22.83 0.09 1.47
N HIS A 29 22.57 1.28 1.99
CA HIS A 29 22.90 1.60 3.39
C HIS A 29 21.89 2.56 3.98
N GLY A 30 21.98 2.80 5.28
CA GLY A 30 21.13 3.82 5.90
C GLY A 30 21.83 5.17 5.80
N TRP A 31 21.06 6.22 5.48
CA TRP A 31 21.60 7.60 5.44
C TRP A 31 20.53 8.57 5.90
N ALA A 32 20.94 9.63 6.58
CA ALA A 32 20.01 10.69 7.00
C ALA A 32 19.17 11.17 5.81
N PHE A 33 17.85 11.20 5.94
CA PHE A 33 16.96 11.51 4.79
C PHE A 33 17.24 12.92 4.28
N HIS A 34 17.47 13.04 2.98
CA HIS A 34 17.53 14.38 2.36
C HIS A 34 16.55 14.50 1.21
N GLY A 35 15.97 13.40 0.73
CA GLY A 35 14.95 13.50 -0.34
C GLY A 35 15.48 13.42 -1.75
N GLY A 36 16.77 13.19 -1.96
CA GLY A 36 17.35 12.91 -3.28
C GLY A 36 16.81 11.64 -3.88
N ASP A 37 16.95 11.50 -5.19
CA ASP A 37 16.34 10.35 -5.90
C ASP A 37 16.96 9.05 -5.37
N ASN A 38 18.21 9.08 -4.89
CA ASN A 38 18.82 7.79 -4.48
C ASN A 38 18.18 7.27 -3.19
N GLN A 39 17.37 8.09 -2.53
CA GLN A 39 16.66 7.68 -1.29
C GLN A 39 15.17 7.47 -1.58
N LEU A 40 14.77 7.50 -2.85
CA LEU A 40 13.38 7.28 -3.25
C LEU A 40 13.29 5.99 -4.05
N TRP A 41 12.20 5.28 -3.85
CA TRP A 41 12.02 3.93 -4.35
C TRP A 41 10.64 3.76 -4.96
N ASP A 42 10.63 3.27 -6.19
CA ASP A 42 9.38 2.99 -6.92
C ASP A 42 8.95 1.58 -6.51
N PHE A 43 7.87 1.51 -5.78
CA PHE A 43 7.23 0.25 -5.36
C PHE A 43 6.25 -0.16 -6.45
N GLU A 44 6.51 -1.27 -7.14
CA GLU A 44 5.58 -1.77 -8.18
C GLU A 44 4.93 -3.01 -7.60
N HIS A 45 3.59 -3.03 -7.52
CA HIS A 45 2.89 -4.22 -6.99
C HIS A 45 2.78 -5.28 -8.07
N ILE A 46 3.37 -6.45 -7.81
CA ILE A 46 3.40 -7.62 -8.73
C ILE A 46 2.08 -8.36 -8.53
N GLY A 47 1.53 -8.38 -7.33
CA GLY A 47 0.35 -9.20 -6.93
C GLY A 47 0.54 -9.85 -5.57
N ASP A 48 -0.55 -10.09 -4.83
CA ASP A 48 -0.55 -10.73 -3.49
C ASP A 48 0.46 -10.06 -2.55
N ASN A 49 0.58 -8.74 -2.63
CA ASN A 49 1.39 -7.94 -1.68
C ASN A 49 2.85 -8.36 -1.82
N ILE A 50 3.22 -8.80 -3.01
CA ILE A 50 4.62 -8.94 -3.50
C ILE A 50 4.97 -7.72 -4.38
N TRP A 51 6.16 -7.19 -4.22
CA TRP A 51 6.58 -5.91 -4.84
C TRP A 51 7.99 -6.03 -5.44
N THR A 52 8.27 -5.18 -6.43
CA THR A 52 9.63 -4.77 -6.77
C THR A 52 9.81 -3.33 -6.27
N ILE A 53 11.06 -3.00 -5.97
CA ILE A 53 11.41 -1.76 -5.23
C ILE A 53 12.60 -1.19 -5.98
N CYS A 54 12.35 -0.14 -6.75
CA CYS A 54 13.28 0.27 -7.81
C CYS A 54 13.79 1.68 -7.50
N ASN A 55 15.09 1.82 -7.40
CA ASN A 55 15.67 3.11 -7.04
C ASN A 55 15.29 4.19 -8.06
N ALA A 56 14.89 5.35 -7.60
CA ALA A 56 14.52 6.50 -8.46
C ALA A 56 15.76 7.05 -9.15
N ASN A 57 16.92 7.00 -8.50
CA ASN A 57 18.13 7.64 -9.06
C ASN A 57 18.61 6.82 -10.26
N THR A 58 18.74 5.50 -10.10
CA THR A 58 19.48 4.67 -11.06
C THR A 58 18.57 3.73 -11.86
N GLY A 59 17.36 3.43 -11.39
CA GLY A 59 16.57 2.36 -12.02
C GLY A 59 16.96 0.96 -11.54
N GLY A 60 17.93 0.87 -10.64
CA GLY A 60 18.33 -0.41 -10.04
C GLY A 60 17.31 -0.90 -9.03
N TYR A 61 17.09 -2.21 -8.98
CA TYR A 61 16.15 -2.82 -8.03
C TYR A 61 16.86 -3.21 -6.76
N LEU A 62 16.16 -2.95 -5.64
CA LEU A 62 16.60 -3.48 -4.33
C LEU A 62 16.63 -5.00 -4.44
N ALA A 63 17.79 -5.57 -4.08
CA ALA A 63 18.00 -7.02 -4.11
C ALA A 63 19.03 -7.40 -3.06
N ILE A 64 19.52 -8.63 -3.12
CA ILE A 64 20.57 -9.13 -2.22
C ILE A 64 21.71 -9.71 -3.05
N VAL A 65 22.92 -9.50 -2.57
CA VAL A 65 24.14 -9.87 -3.33
C VAL A 65 24.06 -11.35 -3.67
N ASN A 66 24.17 -11.65 -4.95
CA ASN A 66 24.24 -13.04 -5.49
C ASN A 66 22.92 -13.80 -5.33
N GLY A 67 21.82 -13.16 -4.88
CA GLY A 67 20.44 -13.68 -5.05
C GLY A 67 20.02 -14.74 -4.03
N ILE A 68 20.92 -15.30 -3.22
CA ILE A 68 20.56 -16.40 -2.29
C ILE A 68 20.47 -15.85 -0.88
N ALA A 69 19.33 -16.07 -0.24
CA ALA A 69 19.08 -15.44 1.09
C ALA A 69 19.81 -16.20 2.18
N GLY A 70 20.43 -15.44 3.08
CA GLY A 70 21.13 -15.93 4.26
C GLY A 70 21.44 -14.82 5.23
N ASP A 71 21.85 -15.18 6.41
CA ASP A 71 22.13 -14.19 7.47
C ASP A 71 23.26 -13.32 7.02
N GLY A 72 22.99 -12.00 6.88
CA GLY A 72 24.09 -11.06 6.63
C GLY A 72 24.41 -10.89 5.17
N VAL A 73 23.62 -11.44 4.29
CA VAL A 73 23.81 -11.21 2.84
C VAL A 73 23.40 -9.74 2.65
N LYS A 74 24.23 -8.93 2.00
CA LYS A 74 23.99 -7.48 1.95
CA LYS A 74 24.01 -7.47 1.94
C LYS A 74 22.93 -7.15 0.90
N ALA A 75 22.23 -6.07 1.15
CA ALA A 75 21.31 -5.52 0.14
C ALA A 75 22.13 -4.79 -0.92
N VAL A 76 21.63 -4.76 -2.16
CA VAL A 76 22.41 -4.23 -3.30
C VAL A 76 21.41 -3.75 -4.33
N SER A 77 21.89 -2.95 -5.27
CA SER A 77 21.12 -2.62 -6.50
C SER A 77 21.37 -3.68 -7.58
N TRP A 78 20.30 -4.14 -8.23
CA TRP A 78 20.33 -5.08 -9.37
C TRP A 78 19.74 -4.43 -10.60
N ALA A 79 20.18 -4.82 -11.79
CA ALA A 79 19.57 -4.40 -13.06
C ALA A 79 18.32 -5.26 -13.34
N ASP A 80 18.21 -6.42 -12.71
CA ASP A 80 16.99 -7.25 -12.78
C ASP A 80 16.11 -7.05 -11.54
N PRO A 81 14.80 -7.28 -11.69
CA PRO A 81 13.89 -7.11 -10.58
C PRO A 81 14.11 -8.23 -9.55
N PHE A 82 13.89 -7.89 -8.30
CA PHE A 82 13.91 -8.86 -7.19
C PHE A 82 12.62 -8.63 -6.38
N GLU A 83 11.94 -9.70 -6.03
CA GLU A 83 10.59 -9.61 -5.43
C GLU A 83 10.71 -9.61 -3.92
N TRP A 84 9.94 -8.72 -3.29
CA TRP A 84 9.87 -8.59 -1.81
C TRP A 84 8.44 -8.69 -1.36
N ALA A 85 8.22 -9.35 -0.24
CA ALA A 85 6.95 -9.29 0.51
C ALA A 85 7.01 -8.07 1.41
N VAL A 86 5.91 -7.33 1.49
CA VAL A 86 5.86 -6.10 2.33
C VAL A 86 4.57 -6.13 3.12
N TRP A 87 4.68 -6.20 4.43
CA TRP A 87 3.50 -6.43 5.30
C TRP A 87 3.74 -5.75 6.64
N PRO A 88 2.65 -5.45 7.35
CA PRO A 88 2.73 -4.80 8.65
C PRO A 88 3.37 -5.72 9.69
N ASP A 89 4.27 -5.14 10.48
CA ASP A 89 4.95 -5.86 11.57
C ASP A 89 3.90 -6.45 12.52
N GLU A 90 4.22 -7.57 13.14
CA GLU A 90 3.26 -8.32 14.00
C GLU A 90 3.01 -7.60 15.33
N ASN A 91 4.01 -6.91 15.90
CA ASN A 91 3.92 -6.20 17.21
C ASN A 91 3.42 -4.76 17.03
N ASP A 92 3.79 -4.10 15.92
CA ASP A 92 3.39 -2.70 15.64
C ASP A 92 2.88 -2.62 14.19
N GLY A 93 1.55 -2.67 14.04
CA GLY A 93 0.88 -2.67 12.73
C GLY A 93 1.12 -1.40 11.94
N SER A 94 1.67 -0.35 12.57
CA SER A 94 1.89 0.96 11.94
C SER A 94 3.17 0.93 11.10
N VAL A 95 3.98 -0.12 11.25
CA VAL A 95 5.27 -0.19 10.50
C VAL A 95 5.32 -1.48 9.71
N TRP A 96 6.32 -1.60 8.81
CA TRP A 96 6.37 -2.71 7.85
C TRP A 96 7.64 -3.51 7.98
N ARG A 97 7.52 -4.76 7.55
CA ARG A 97 8.68 -5.62 7.24
C ARG A 97 8.77 -5.76 5.74
N ILE A 98 9.99 -5.88 5.29
CA ILE A 98 10.29 -6.09 3.87
C ILE A 98 11.11 -7.36 3.79
N GLY A 99 10.54 -8.42 3.24
CA GLY A 99 11.16 -9.75 3.38
C GLY A 99 11.30 -10.50 2.07
N VAL A 100 12.25 -11.43 2.04
CA VAL A 100 12.37 -12.38 0.90
C VAL A 100 11.16 -13.29 0.94
N PRO A 101 10.33 -13.32 -0.12
CA PRO A 101 9.07 -14.06 -0.05
C PRO A 101 9.19 -15.52 0.38
N ASP A 102 8.33 -15.88 1.33
CA ASP A 102 8.16 -17.26 1.86
C ASP A 102 9.43 -17.69 2.58
N THR A 103 10.21 -16.73 3.08
CA THR A 103 11.41 -17.02 3.87
C THR A 103 11.33 -16.24 5.18
N ALA A 104 12.25 -16.49 6.09
CA ALA A 104 12.40 -15.77 7.36
C ALA A 104 13.48 -14.70 7.23
N PHE A 105 13.94 -14.39 6.02
CA PHE A 105 15.00 -13.36 5.80
C PHE A 105 14.39 -11.98 5.55
N HIS A 106 14.56 -11.10 6.53
CA HIS A 106 13.96 -9.73 6.49
C HIS A 106 15.03 -8.68 6.28
N LEU A 107 14.68 -7.60 5.61
CA LEU A 107 15.59 -6.45 5.40
C LEU A 107 15.90 -5.80 6.73
N ASP A 108 17.19 -5.63 6.98
CA ASP A 108 17.73 -5.41 8.35
C ASP A 108 18.78 -4.31 8.28
N LEU A 109 18.65 -3.31 9.15
CA LEU A 109 19.69 -2.28 9.29
C LEU A 109 20.72 -2.82 10.26
N SER A 110 21.93 -3.02 9.76
CA SER A 110 23.01 -3.71 10.51
C SER A 110 23.51 -2.92 11.71
N ASP A 111 24.40 -3.58 12.46
CA ASP A 111 25.02 -3.02 13.70
C ASP A 111 23.95 -2.45 14.62
N HIS A 112 22.98 -3.29 14.94
CA HIS A 112 21.89 -3.01 15.91
C HIS A 112 21.07 -1.82 15.42
N GLY A 113 20.89 -1.66 14.10
CA GLY A 113 20.11 -0.52 13.60
C GLY A 113 20.83 0.80 13.86
N ASN A 114 22.14 0.81 13.71
CA ASN A 114 22.96 2.03 13.90
C ASN A 114 22.39 3.17 13.04
N SER A 115 22.20 4.33 13.64
CA SER A 115 21.76 5.56 12.95
C SER A 115 22.89 6.17 12.10
N ALA A 116 24.13 5.72 12.25
CA ALA A 116 25.27 6.32 11.53
C ALA A 116 25.03 6.25 10.02
N ASP A 117 25.29 7.35 9.32
CA ASP A 117 25.31 7.35 7.85
C ASP A 117 26.27 6.26 7.37
N GLY A 118 25.79 5.45 6.44
CA GLY A 118 26.60 4.41 5.79
C GLY A 118 26.43 3.05 6.44
N THR A 119 25.57 2.93 7.45
CA THR A 119 25.29 1.65 8.14
C THR A 119 24.72 0.69 7.07
N ALA A 120 25.39 -0.43 6.85
CA ALA A 120 24.98 -1.35 5.77
C ALA A 120 23.57 -1.89 6.05
N VAL A 121 22.81 -2.11 4.99
CA VAL A 121 21.52 -2.84 5.05
C VAL A 121 21.77 -4.23 4.48
N GLN A 122 21.11 -5.21 5.08
CA GLN A 122 21.31 -6.62 4.72
C GLN A 122 19.96 -7.31 4.83
N VAL A 123 19.98 -8.64 4.73
CA VAL A 123 18.89 -9.51 5.27
C VAL A 123 19.43 -10.31 6.44
N TRP A 124 18.53 -10.63 7.34
CA TRP A 124 18.83 -11.44 8.54
C TRP A 124 17.57 -12.18 8.91
N ASN A 125 17.74 -13.32 9.54
CA ASN A 125 16.60 -14.04 10.15
C ASN A 125 15.71 -13.09 10.96
N ALA A 126 14.40 -13.24 10.77
CA ALA A 126 13.39 -12.42 11.44
C ALA A 126 13.60 -12.41 12.94
N SER A 127 13.60 -11.24 13.53
CA SER A 127 13.64 -11.06 14.99
C SER A 127 12.62 -10.00 15.36
N ASP A 128 12.59 -9.64 16.63
CA ASP A 128 11.64 -8.63 17.16
C ASP A 128 12.25 -7.25 16.94
N GLY A 129 13.56 -7.17 16.64
CA GLY A 129 14.29 -5.92 16.47
C GLY A 129 13.56 -4.94 15.53
N ARG A 130 13.37 -3.70 16.00
CA ARG A 130 12.80 -2.60 15.16
C ARG A 130 13.83 -2.22 14.08
N ASN A 131 15.06 -2.75 14.12
CA ASN A 131 16.02 -2.58 13.00
C ASN A 131 15.51 -3.31 11.76
N GLN A 132 14.53 -4.18 11.88
CA GLN A 132 13.92 -4.90 10.73
C GLN A 132 12.57 -4.27 10.38
N CYS A 133 12.23 -3.13 11.01
CA CYS A 133 10.95 -2.46 10.75
C CYS A 133 11.22 -1.16 9.98
N TRP A 134 10.32 -0.83 9.08
CA TRP A 134 10.47 0.29 8.13
C TRP A 134 9.17 1.04 8.00
N VAL A 135 9.29 2.32 7.76
CA VAL A 135 8.15 3.19 7.42
C VAL A 135 8.27 3.45 5.93
N VAL A 136 7.27 3.01 5.21
CA VAL A 136 7.12 3.26 3.77
C VAL A 136 6.12 4.42 3.61
N GLU A 137 6.58 5.57 3.14
CA GLU A 137 5.71 6.77 3.09
C GLU A 137 6.04 7.63 1.86
N GLU A 138 5.06 8.39 1.38
CA GLU A 138 5.18 9.06 0.03
C GLU A 138 6.38 10.05 0.09
N ALA A 139 7.10 10.25 -1.02
CA ALA A 139 8.06 11.38 -1.21
C ALA A 139 9.00 11.06 -2.38
N PRO B 4 -22.96 9.38 12.00
CA PRO B 4 -22.50 9.73 10.64
C PRO B 4 -23.59 9.51 9.57
N GLY B 5 -23.39 10.15 8.42
CA GLY B 5 -24.02 9.77 7.16
C GLY B 5 -23.72 8.32 6.83
N ARG B 6 -24.78 7.56 6.65
CA ARG B 6 -24.70 6.15 6.15
C ARG B 6 -25.03 6.14 4.68
N TYR B 7 -24.12 5.66 3.84
CA TYR B 7 -24.29 5.77 2.37
C TYR B 7 -24.11 4.40 1.70
N ARG B 8 -24.79 4.21 0.56
CA ARG B 8 -24.37 3.17 -0.40
C ARG B 8 -23.34 3.80 -1.31
N VAL B 9 -22.53 2.96 -1.96
CA VAL B 9 -21.43 3.40 -2.81
C VAL B 9 -21.48 2.53 -4.07
N ILE B 10 -22.06 3.08 -5.13
CA ILE B 10 -22.31 2.28 -6.37
C ILE B 10 -21.28 2.61 -7.40
N ASN B 11 -20.73 1.60 -8.06
CA ASN B 11 -19.73 1.82 -9.11
C ASN B 11 -20.45 2.34 -10.35
N VAL B 12 -19.93 3.37 -10.96
CA VAL B 12 -20.60 3.96 -12.15
C VAL B 12 -20.54 2.97 -13.31
N LYS B 13 -19.40 2.36 -13.58
CA LYS B 13 -19.26 1.44 -14.75
C LYS B 13 -19.96 0.11 -14.45
N GLY B 14 -19.68 -0.50 -13.28
CA GLY B 14 -20.20 -1.83 -12.99
C GLY B 14 -21.66 -1.85 -12.60
N GLY B 15 -22.16 -0.78 -11.97
CA GLY B 15 -23.55 -0.71 -11.46
C GLY B 15 -23.76 -1.47 -10.16
N THR B 16 -22.69 -1.98 -9.57
CA THR B 16 -22.76 -2.83 -8.38
C THR B 16 -22.31 -2.01 -7.16
N ALA B 17 -22.67 -2.52 -5.99
CA ALA B 17 -22.46 -1.82 -4.71
C ALA B 17 -21.13 -2.28 -4.14
N LEU B 18 -20.42 -1.32 -3.57
CA LEU B 18 -19.28 -1.60 -2.69
C LEU B 18 -19.79 -2.46 -1.54
N ASP B 19 -19.23 -3.68 -1.40
CA ASP B 19 -19.82 -4.72 -0.54
C ASP B 19 -18.72 -5.42 0.24
N LEU B 20 -18.92 -5.52 1.54
CA LEU B 20 -18.02 -6.33 2.40
C LEU B 20 -18.52 -7.78 2.44
N ASP B 21 -17.69 -8.70 1.95
CA ASP B 21 -18.02 -10.14 1.84
C ASP B 21 -18.70 -10.64 3.12
N ILE B 22 -19.92 -11.14 2.98
CA ILE B 22 -20.79 -11.49 4.13
C ILE B 22 -20.25 -12.76 4.78
N ASN B 23 -19.43 -13.51 4.07
CA ASN B 23 -18.88 -14.81 4.58
C ASN B 23 -17.57 -14.58 5.36
N ASN B 24 -16.67 -13.74 4.88
CA ASN B 24 -15.34 -13.62 5.54
C ASN B 24 -15.18 -12.26 6.21
N ASN B 25 -16.07 -11.31 5.95
CA ASN B 25 -16.11 -9.98 6.59
C ASN B 25 -14.78 -9.26 6.39
N SER B 26 -14.09 -9.56 5.30
CA SER B 26 -12.73 -9.01 5.05
C SER B 26 -12.63 -8.50 3.61
N THR B 27 -12.97 -9.35 2.64
CA THR B 27 -12.85 -9.05 1.20
C THR B 27 -13.88 -7.98 0.82
N VAL B 28 -13.47 -7.02 0.00
CA VAL B 28 -14.39 -5.95 -0.51
C VAL B 28 -14.51 -6.14 -2.00
N HIS B 29 -15.76 -6.25 -2.46
CA HIS B 29 -16.05 -6.56 -3.87
C HIS B 29 -17.28 -5.80 -4.32
N GLY B 30 -17.61 -5.89 -5.60
CA GLY B 30 -18.88 -5.35 -6.09
C GLY B 30 -19.95 -6.41 -6.04
N TRP B 31 -21.14 -6.03 -5.62
CA TRP B 31 -22.29 -6.95 -5.61
C TRP B 31 -23.56 -6.19 -5.95
N ALA B 32 -24.51 -6.83 -6.63
CA ALA B 32 -25.81 -6.22 -6.91
C ALA B 32 -26.41 -5.64 -5.64
N PHE B 33 -26.86 -4.40 -5.67
CA PHE B 33 -27.32 -3.73 -4.43
C PHE B 33 -28.57 -4.42 -3.88
N HIS B 34 -28.56 -4.73 -2.61
CA HIS B 34 -29.76 -5.24 -1.90
C HIS B 34 -30.08 -4.39 -0.68
N GLY B 35 -29.16 -3.55 -0.21
CA GLY B 35 -29.46 -2.67 0.93
C GLY B 35 -29.12 -3.29 2.28
N GLY B 36 -28.50 -4.47 2.33
CA GLY B 36 -28.01 -5.05 3.59
C GLY B 36 -26.92 -4.20 4.20
N ASP B 37 -26.71 -4.30 5.52
CA ASP B 37 -25.73 -3.45 6.22
C ASP B 37 -24.33 -3.63 5.63
N ASN B 38 -24.02 -4.78 5.08
CA ASN B 38 -22.65 -5.02 4.55
C ASN B 38 -22.44 -4.19 3.29
N GLN B 39 -23.47 -3.61 2.74
CA GLN B 39 -23.39 -2.71 1.56
C GLN B 39 -23.59 -1.26 1.98
N LEU B 40 -23.64 -0.97 3.27
CA LEU B 40 -23.81 0.40 3.77
C LEU B 40 -22.55 0.84 4.50
N TRP B 41 -22.17 2.10 4.32
CA TRP B 41 -20.88 2.63 4.78
C TRP B 41 -21.09 3.96 5.51
N ASP B 42 -20.58 4.05 6.74
CA ASP B 42 -20.64 5.30 7.55
C ASP B 42 -19.46 6.15 7.10
N PHE B 43 -19.76 7.28 6.46
CA PHE B 43 -18.72 8.24 6.03
C PHE B 43 -18.53 9.22 7.18
N GLU B 44 -17.37 9.21 7.82
CA GLU B 44 -17.09 10.16 8.92
CA GLU B 44 -17.09 10.15 8.91
C GLU B 44 -16.07 11.16 8.39
N HIS B 45 -16.42 12.45 8.42
CA HIS B 45 -15.51 13.51 7.96
C HIS B 45 -14.49 13.83 9.05
N ILE B 46 -13.22 13.63 8.70
CA ILE B 46 -12.00 13.92 9.51
C ILE B 46 -11.64 15.39 9.37
N GLY B 47 -11.93 16.03 8.24
CA GLY B 47 -11.44 17.40 7.92
C GLY B 47 -10.85 17.51 6.54
N ASP B 48 -11.01 18.68 5.90
CA ASP B 48 -10.50 18.99 4.54
C ASP B 48 -10.96 17.93 3.52
N ASN B 49 -12.18 17.40 3.66
CA ASN B 49 -12.77 16.47 2.68
C ASN B 49 -11.92 15.19 2.65
N ILE B 50 -11.34 14.87 3.81
CA ILE B 50 -10.75 13.54 4.14
C ILE B 50 -11.73 12.77 5.05
N TRP B 51 -11.92 11.50 4.77
CA TRP B 51 -13.00 10.70 5.35
C TRP B 51 -12.47 9.36 5.86
N THR B 52 -13.19 8.76 6.80
CA THR B 52 -13.10 7.33 7.05
C THR B 52 -14.42 6.73 6.60
N ILE B 53 -14.33 5.48 6.17
CA ILE B 53 -15.46 4.78 5.54
C ILE B 53 -15.63 3.45 6.27
N CYS B 54 -16.67 3.36 7.08
CA CYS B 54 -16.82 2.26 8.07
C CYS B 54 -18.03 1.40 7.75
N ASN B 55 -17.82 0.10 7.61
CA ASN B 55 -18.90 -0.81 7.20
C ASN B 55 -20.02 -0.84 8.27
N ALA B 56 -21.28 -0.76 7.85
CA ALA B 56 -22.42 -0.75 8.78
C ALA B 56 -22.58 -2.13 9.40
N ASN B 57 -22.18 -3.19 8.68
CA ASN B 57 -22.43 -4.57 9.17
C ASN B 57 -21.45 -4.85 10.30
N THR B 58 -20.16 -4.56 10.09
CA THR B 58 -19.08 -5.09 10.95
C THR B 58 -18.42 -4.01 11.78
N GLY B 59 -18.54 -2.74 11.41
CA GLY B 59 -17.71 -1.68 11.98
C GLY B 59 -16.29 -1.68 11.45
N GLY B 60 -15.94 -2.52 10.46
CA GLY B 60 -14.59 -2.49 9.86
C GLY B 60 -14.43 -1.33 8.90
N TYR B 61 -13.24 -0.76 8.82
CA TYR B 61 -12.96 0.41 7.96
C TYR B 61 -12.50 -0.07 6.60
N LEU B 62 -12.99 0.62 5.56
CA LEU B 62 -12.48 0.40 4.19
C LEU B 62 -11.01 0.82 4.17
N ALA B 63 -10.15 -0.08 3.73
CA ALA B 63 -8.71 0.18 3.65
C ALA B 63 -8.15 -0.65 2.51
N ILE B 64 -6.82 -0.79 2.45
CA ILE B 64 -6.14 -1.56 1.39
C ILE B 64 -5.21 -2.55 2.07
N VAL B 65 -5.08 -3.73 1.48
CA VAL B 65 -4.35 -4.82 2.16
C VAL B 65 -2.90 -4.35 2.39
N ASN B 66 -2.48 -4.42 3.66
CA ASN B 66 -1.05 -4.13 4.04
C ASN B 66 -0.72 -2.63 3.89
N GLY B 67 -1.67 -1.77 3.54
CA GLY B 67 -1.55 -0.33 3.84
C GLY B 67 -0.78 0.47 2.80
N ILE B 68 -0.04 -0.15 1.88
CA ILE B 68 0.79 0.59 0.91
C ILE B 68 0.11 0.57 -0.45
N ALA B 69 -0.06 1.74 -1.07
CA ALA B 69 -0.83 1.84 -2.32
C ALA B 69 0.02 1.39 -3.52
N GLY B 70 -0.58 0.60 -4.39
CA GLY B 70 -0.03 0.19 -5.69
C GLY B 70 -1.14 -0.37 -6.56
N ASP B 71 -0.82 -0.68 -7.80
CA ASP B 71 -1.82 -1.15 -8.77
C ASP B 71 -2.29 -2.50 -8.30
N GLY B 72 -3.59 -2.65 -8.10
CA GLY B 72 -4.16 -3.98 -7.81
C GLY B 72 -4.04 -4.37 -6.36
N VAL B 73 -3.53 -3.52 -5.46
CA VAL B 73 -3.66 -3.77 -4.01
C VAL B 73 -5.15 -3.78 -3.63
N LYS B 74 -5.60 -4.86 -3.02
CA LYS B 74 -7.07 -5.09 -2.87
C LYS B 74 -7.60 -4.26 -1.73
N ALA B 75 -8.84 -3.85 -1.88
CA ALA B 75 -9.60 -3.21 -0.77
C ALA B 75 -9.95 -4.28 0.25
N VAL B 76 -9.96 -3.90 1.51
CA VAL B 76 -10.15 -4.84 2.64
C VAL B 76 -10.80 -4.08 3.80
N SER B 77 -11.38 -4.81 4.75
CA SER B 77 -11.81 -4.30 6.07
C SER B 77 -10.64 -4.25 7.07
N TRP B 78 -10.50 -3.14 7.77
CA TRP B 78 -9.50 -3.00 8.87
C TRP B 78 -10.19 -2.75 10.18
N ALA B 79 -9.55 -3.18 11.28
CA ALA B 79 -10.04 -2.84 12.64
C ALA B 79 -9.98 -1.33 12.85
N ASP B 80 -8.93 -0.69 12.36
CA ASP B 80 -8.70 0.75 12.59
C ASP B 80 -8.85 1.54 11.29
N PRO B 81 -9.09 2.83 11.44
CA PRO B 81 -9.44 3.66 10.30
C PRO B 81 -8.32 3.83 9.28
N PHE B 82 -8.74 4.00 8.04
CA PHE B 82 -7.89 4.35 6.92
C PHE B 82 -8.53 5.57 6.24
N GLU B 83 -7.73 6.58 5.96
CA GLU B 83 -8.25 7.88 5.45
C GLU B 83 -8.33 7.89 3.94
N TRP B 84 -9.45 8.41 3.42
CA TRP B 84 -9.71 8.54 1.99
C TRP B 84 -10.05 9.98 1.64
N ALA B 85 -9.58 10.42 0.51
CA ALA B 85 -10.05 11.67 -0.10
C ALA B 85 -11.29 11.33 -0.92
N VAL B 86 -12.30 12.19 -0.92
CA VAL B 86 -13.52 11.92 -1.73
C VAL B 86 -13.91 13.19 -2.46
N TRP B 87 -13.97 13.17 -3.79
CA TRP B 87 -14.19 14.42 -4.52
C TRP B 87 -14.85 14.12 -5.84
N PRO B 88 -15.49 15.15 -6.44
CA PRO B 88 -16.13 14.94 -7.73
C PRO B 88 -15.13 14.61 -8.83
N ASP B 89 -15.55 13.66 -9.68
CA ASP B 89 -14.77 13.29 -10.88
C ASP B 89 -14.60 14.52 -11.77
N GLU B 90 -13.44 14.64 -12.38
CA GLU B 90 -13.11 15.77 -13.28
C GLU B 90 -13.99 15.71 -14.53
N ASN B 91 -14.16 14.55 -15.15
CA ASN B 91 -14.93 14.46 -16.43
C ASN B 91 -16.42 14.49 -16.20
N ASP B 92 -16.88 14.00 -15.04
CA ASP B 92 -18.32 14.00 -14.70
C ASP B 92 -18.49 14.41 -13.24
N GLY B 93 -18.86 15.64 -12.99
CA GLY B 93 -18.91 16.16 -11.62
C GLY B 93 -20.03 15.58 -10.79
N SER B 94 -20.93 14.77 -11.38
CA SER B 94 -22.10 14.21 -10.67
C SER B 94 -21.71 12.94 -9.92
N VAL B 95 -20.48 12.46 -10.16
CA VAL B 95 -19.99 11.18 -9.56
C VAL B 95 -18.68 11.48 -8.87
N TRP B 96 -18.22 10.53 -8.05
CA TRP B 96 -17.08 10.79 -7.14
C TRP B 96 -15.92 9.82 -7.37
N ARG B 97 -14.76 10.30 -7.02
CA ARG B 97 -13.56 9.49 -6.79
C ARG B 97 -13.31 9.32 -5.31
N ILE B 98 -12.80 8.15 -4.96
CA ILE B 98 -12.41 7.80 -3.58
C ILE B 98 -10.94 7.40 -3.64
N GLY B 99 -10.05 8.21 -3.09
CA GLY B 99 -8.64 8.04 -3.38
C GLY B 99 -7.78 8.01 -2.13
N VAL B 100 -6.66 7.34 -2.23
CA VAL B 100 -5.62 7.37 -1.17
C VAL B 100 -5.08 8.78 -1.16
N PRO B 101 -5.19 9.51 -0.03
CA PRO B 101 -4.72 10.90 0.01
C PRO B 101 -3.26 11.12 -0.42
N ASP B 102 -3.11 12.15 -1.25
CA ASP B 102 -1.85 12.69 -1.82
C ASP B 102 -1.21 11.67 -2.77
N THR B 103 -2.00 10.77 -3.37
CA THR B 103 -1.46 9.78 -4.30
C THR B 103 -2.38 9.80 -5.52
N ALA B 104 -1.98 9.07 -6.54
CA ALA B 104 -2.78 8.84 -7.75
C ALA B 104 -3.45 7.46 -7.65
N PHE B 105 -3.59 6.88 -6.46
CA PHE B 105 -4.26 5.56 -6.37
C PHE B 105 -5.71 5.74 -5.95
N HIS B 106 -6.61 5.32 -6.83
CA HIS B 106 -8.06 5.53 -6.68
C HIS B 106 -8.75 4.19 -6.54
N LEU B 107 -9.80 4.21 -5.73
CA LEU B 107 -10.66 3.03 -5.55
C LEU B 107 -11.26 2.64 -6.89
N ASP B 108 -11.10 1.37 -7.23
CA ASP B 108 -11.24 0.83 -8.62
C ASP B 108 -12.01 -0.48 -8.57
N LEU B 109 -13.10 -0.59 -9.31
CA LEU B 109 -13.79 -1.88 -9.47
C LEU B 109 -13.01 -2.66 -10.53
N SER B 110 -12.42 -3.76 -10.12
CA SER B 110 -11.37 -4.46 -10.90
C SER B 110 -11.93 -5.04 -12.21
N ASP B 111 -11.01 -5.51 -13.01
CA ASP B 111 -11.33 -6.09 -14.33
C ASP B 111 -12.13 -5.04 -15.14
N HIS B 112 -11.70 -3.78 -15.07
CA HIS B 112 -12.33 -2.66 -15.82
C HIS B 112 -13.83 -2.53 -15.52
N GLY B 113 -14.21 -2.71 -14.25
CA GLY B 113 -15.57 -2.45 -13.80
C GLY B 113 -16.49 -3.58 -14.20
N ASN B 114 -15.99 -4.79 -14.13
CA ASN B 114 -16.86 -5.97 -14.36
C ASN B 114 -18.08 -5.88 -13.43
N SER B 115 -19.26 -6.11 -13.96
CA SER B 115 -20.56 -6.03 -13.23
CA SER B 115 -20.56 -6.03 -13.23
C SER B 115 -20.84 -7.31 -12.45
N ALA B 116 -20.05 -8.36 -12.65
CA ALA B 116 -20.29 -9.67 -11.99
C ALA B 116 -20.23 -9.50 -10.47
N ASP B 117 -21.12 -10.17 -9.78
CA ASP B 117 -21.09 -10.28 -8.30
C ASP B 117 -19.75 -10.89 -7.89
N GLY B 118 -19.08 -10.26 -6.93
CA GLY B 118 -17.83 -10.81 -6.39
C GLY B 118 -16.61 -10.23 -7.08
N THR B 119 -16.78 -9.31 -8.03
CA THR B 119 -15.66 -8.63 -8.69
C THR B 119 -14.88 -7.84 -7.64
N ALA B 120 -13.59 -8.08 -7.52
CA ALA B 120 -12.82 -7.46 -6.42
C ALA B 120 -12.78 -5.96 -6.60
N VAL B 121 -12.78 -5.26 -5.48
CA VAL B 121 -12.44 -3.82 -5.46
C VAL B 121 -11.01 -3.65 -4.98
N GLN B 122 -10.33 -2.68 -5.57
CA GLN B 122 -8.89 -2.51 -5.40
C GLN B 122 -8.58 -1.02 -5.50
N VAL B 123 -7.30 -0.68 -5.35
CA VAL B 123 -6.85 0.63 -5.84
C VAL B 123 -6.03 0.43 -7.11
N TRP B 124 -5.96 1.50 -7.89
CA TRP B 124 -5.27 1.48 -9.19
C TRP B 124 -4.88 2.92 -9.53
N ASN B 125 -3.82 3.03 -10.33
CA ASN B 125 -3.40 4.33 -10.89
C ASN B 125 -4.60 5.03 -11.48
N ALA B 126 -4.76 6.30 -11.16
CA ALA B 126 -5.86 7.12 -11.68
C ALA B 126 -5.91 7.02 -13.20
N SER B 127 -7.09 6.78 -13.71
CA SER B 127 -7.42 6.84 -15.14
C SER B 127 -8.73 7.58 -15.34
N ASP B 128 -9.16 7.72 -16.58
CA ASP B 128 -10.47 8.33 -16.89
C ASP B 128 -11.58 7.28 -16.80
N GLY B 129 -11.27 6.03 -16.48
CA GLY B 129 -12.27 4.96 -16.60
C GLY B 129 -13.41 5.12 -15.58
N ARG B 130 -14.66 4.84 -15.97
CA ARG B 130 -15.84 5.06 -15.09
C ARG B 130 -15.81 3.98 -13.99
N ASN B 131 -14.96 2.96 -14.11
CA ASN B 131 -14.81 1.93 -13.04
C ASN B 131 -14.09 2.54 -11.84
N GLN B 132 -13.52 3.75 -11.95
CA GLN B 132 -12.93 4.49 -10.80
C GLN B 132 -13.89 5.56 -10.27
N CYS B 133 -15.12 5.55 -10.72
CA CYS B 133 -16.13 6.55 -10.33
C CYS B 133 -17.26 5.86 -9.60
N TRP B 134 -17.81 6.57 -8.63
CA TRP B 134 -18.72 6.01 -7.63
C TRP B 134 -19.87 6.98 -7.35
N VAL B 135 -21.04 6.45 -7.17
CA VAL B 135 -22.18 7.24 -6.68
C VAL B 135 -22.27 7.04 -5.17
N VAL B 136 -22.10 8.10 -4.40
CA VAL B 136 -22.21 8.09 -2.91
C VAL B 136 -23.57 8.69 -2.55
N GLU B 137 -24.49 7.87 -2.07
CA GLU B 137 -25.86 8.39 -1.83
C GLU B 137 -26.45 7.75 -0.57
N GLU B 138 -27.27 8.52 0.13
CA GLU B 138 -27.86 8.14 1.45
C GLU B 138 -28.53 6.76 1.32
N ALA B 139 -28.36 5.93 2.35
CA ALA B 139 -28.83 4.52 2.39
C ALA B 139 -30.20 4.38 1.74
#